data_2CCY
#
_entry.id   2CCY
#
_cell.length_a   56.580
_cell.length_b   72.330
_cell.length_c   75.440
_cell.angle_alpha   90.00
_cell.angle_beta   90.00
_cell.angle_gamma   90.00
#
_symmetry.space_group_name_H-M   'P 21 21 21'
#
loop_
_entity.id
_entity.type
_entity.pdbx_description
1 polymer 'CYTOCHROME C'
2 non-polymer 'HEME C'
3 water water
#
_entity_poly.entity_id   1
_entity_poly.type   'polypeptide(L)'
_entity_poly.pdbx_seq_one_letter_code
;QQSKPEDLLKLRQGLMQTLKSQWVPIAGFAAGKADLPADAAQRAENMAMVAKLAPIGWAKGTEALPNGETKPEAFGSKSA
EFLEGWKALATESTKLAAAAKAGPDALKAQAAATGKVCKACHEEFKQD
;
_entity_poly.pdbx_strand_id   A,B
#
# COMPACT_ATOMS: atom_id res chain seq x y z
N GLN A 2 16.88 8.30 -5.67
CA GLN A 2 17.03 8.78 -4.29
C GLN A 2 16.18 8.05 -3.24
N SER A 3 16.36 8.53 -2.02
CA SER A 3 15.66 8.16 -0.79
C SER A 3 16.57 7.56 0.27
N LYS A 4 16.42 7.97 1.52
CA LYS A 4 17.20 7.34 2.62
C LYS A 4 16.69 5.88 2.67
N PRO A 5 17.56 5.00 3.04
CA PRO A 5 17.27 3.57 3.11
C PRO A 5 16.35 3.29 4.25
N GLU A 6 16.27 4.08 5.27
CA GLU A 6 15.36 3.76 6.40
C GLU A 6 13.93 3.97 5.91
N ASP A 7 13.75 4.97 5.05
CA ASP A 7 12.46 5.28 4.41
C ASP A 7 12.10 4.21 3.38
N LEU A 8 13.06 3.75 2.60
CA LEU A 8 12.90 2.67 1.71
C LEU A 8 12.48 1.40 2.51
N LEU A 9 13.09 1.22 3.69
CA LEU A 9 12.71 -0.08 4.33
C LEU A 9 11.32 0.11 4.95
N LYS A 10 11.07 1.28 5.50
CA LYS A 10 9.69 1.55 6.09
C LYS A 10 8.64 1.27 4.96
N LEU A 11 8.83 1.74 3.76
CA LEU A 11 8.00 1.43 2.58
C LEU A 11 7.65 -0.01 2.47
N ARG A 12 8.66 -0.82 2.28
CA ARG A 12 8.66 -2.26 2.08
C ARG A 12 7.99 -2.90 3.30
N GLN A 13 8.48 -2.62 4.47
CA GLN A 13 7.92 -3.30 5.62
C GLN A 13 6.52 -2.80 5.86
N GLY A 14 6.22 -1.52 5.68
CA GLY A 14 4.84 -1.03 6.00
C GLY A 14 3.86 -1.68 4.93
N LEU A 15 4.26 -1.86 3.71
CA LEU A 15 3.29 -2.58 2.83
C LEU A 15 2.94 -3.90 3.42
N MET A 16 3.90 -4.65 3.97
CA MET A 16 3.73 -5.99 4.50
C MET A 16 2.87 -5.93 5.76
N GLN A 17 3.02 -4.87 6.57
CA GLN A 17 2.18 -4.71 7.74
C GLN A 17 0.72 -4.44 7.20
N THR A 18 0.57 -3.70 6.12
CA THR A 18 -0.85 -3.45 5.68
C THR A 18 -1.40 -4.77 5.19
N LEU A 19 -0.65 -5.62 4.50
CA LEU A 19 -1.05 -6.98 4.16
C LEU A 19 -1.46 -7.82 5.35
N LYS A 20 -0.65 -7.92 6.40
CA LYS A 20 -0.94 -8.68 7.60
C LYS A 20 -2.18 -8.13 8.28
N SER A 21 -2.31 -6.83 8.33
CA SER A 21 -3.49 -6.31 9.11
C SER A 21 -4.78 -6.75 8.43
N GLN A 22 -4.86 -6.83 7.15
CA GLN A 22 -6.11 -7.36 6.47
C GLN A 22 -6.19 -8.90 6.49
N TRP A 23 -5.12 -9.66 6.48
CA TRP A 23 -5.11 -11.10 6.37
C TRP A 23 -5.47 -11.77 7.68
N VAL A 24 -4.98 -11.18 8.75
CA VAL A 24 -5.07 -11.79 10.07
C VAL A 24 -6.40 -12.27 10.57
N PRO A 25 -7.46 -11.52 10.49
CA PRO A 25 -8.77 -11.89 10.99
C PRO A 25 -9.30 -13.08 10.18
N ILE A 26 -8.98 -13.03 8.91
CA ILE A 26 -9.43 -14.13 7.96
C ILE A 26 -8.66 -15.43 8.21
N ALA A 27 -7.35 -15.43 8.36
CA ALA A 27 -6.54 -16.59 8.67
C ALA A 27 -7.04 -17.08 10.04
N GLY A 28 -7.35 -16.19 10.97
CA GLY A 28 -7.80 -16.53 12.32
C GLY A 28 -9.10 -17.35 12.27
N PHE A 29 -10.06 -16.88 11.51
CA PHE A 29 -11.30 -17.58 11.18
C PHE A 29 -11.03 -18.94 10.53
N ALA A 30 -10.26 -19.02 9.50
CA ALA A 30 -10.02 -20.26 8.78
C ALA A 30 -9.44 -21.30 9.72
N ALA A 31 -8.77 -20.81 10.76
CA ALA A 31 -8.10 -21.62 11.76
C ALA A 31 -9.07 -21.99 12.87
N GLY A 32 -10.16 -21.33 13.03
CA GLY A 32 -11.16 -21.64 14.07
C GLY A 32 -10.97 -20.89 15.38
N LYS A 33 -10.07 -19.92 15.34
CA LYS A 33 -9.65 -19.07 16.44
C LYS A 33 -10.35 -17.74 16.54
N ALA A 34 -11.21 -17.36 15.62
CA ALA A 34 -11.88 -16.03 15.72
C ALA A 34 -13.14 -16.20 14.90
N ASP A 35 -14.04 -15.27 15.03
CA ASP A 35 -15.29 -15.34 14.26
C ASP A 35 -14.97 -14.81 12.84
N LEU A 36 -15.98 -15.04 12.05
CA LEU A 36 -15.88 -14.62 10.67
C LEU A 36 -15.92 -13.09 10.63
N PRO A 37 -14.97 -12.53 9.87
CA PRO A 37 -14.93 -11.07 9.74
C PRO A 37 -16.12 -10.66 8.87
N ALA A 38 -16.83 -9.63 9.29
CA ALA A 38 -17.98 -9.15 8.50
C ALA A 38 -17.60 -8.52 7.20
N ASP A 39 -16.36 -8.00 7.16
CA ASP A 39 -15.76 -7.30 6.03
C ASP A 39 -14.73 -8.24 5.37
N ALA A 40 -14.87 -9.56 5.44
CA ALA A 40 -13.85 -10.35 4.83
C ALA A 40 -13.63 -10.00 3.38
N ALA A 41 -14.63 -9.59 2.62
CA ALA A 41 -14.56 -9.33 1.20
C ALA A 41 -13.65 -8.10 0.96
N GLN A 42 -13.84 -7.07 1.69
CA GLN A 42 -13.17 -5.78 1.63
C GLN A 42 -11.64 -6.06 2.03
N ARG A 43 -11.47 -6.81 3.08
CA ARG A 43 -10.07 -7.17 3.44
C ARG A 43 -9.31 -7.77 2.31
N ALA A 44 -10.05 -8.82 1.71
CA ALA A 44 -9.41 -9.49 0.58
C ALA A 44 -9.13 -8.60 -0.55
N GLU A 45 -10.03 -7.71 -1.04
CA GLU A 45 -9.70 -6.83 -2.13
C GLU A 45 -8.50 -5.89 -1.70
N ASN A 46 -8.49 -5.60 -0.43
CA ASN A 46 -7.36 -4.73 -0.02
C ASN A 46 -6.06 -5.56 -0.21
N MET A 47 -6.05 -6.80 0.25
CA MET A 47 -4.85 -7.64 0.01
C MET A 47 -4.52 -7.62 -1.45
N ALA A 48 -5.43 -7.78 -2.43
CA ALA A 48 -5.06 -7.80 -3.82
C ALA A 48 -4.40 -6.49 -4.21
N MET A 49 -4.84 -5.35 -3.76
CA MET A 49 -4.20 -4.08 -4.07
C MET A 49 -2.77 -4.08 -3.43
N VAL A 50 -2.63 -4.52 -2.25
CA VAL A 50 -1.16 -4.52 -1.71
C VAL A 50 -0.30 -5.28 -2.63
N ALA A 51 -0.73 -6.45 -3.14
CA ALA A 51 0.02 -7.34 -3.93
C ALA A 51 0.42 -6.74 -5.22
N LYS A 52 -0.38 -5.84 -5.79
CA LYS A 52 -0.10 -5.15 -7.02
C LYS A 52 0.96 -4.05 -6.88
N LEU A 53 0.97 -3.51 -5.67
CA LEU A 53 1.83 -2.44 -5.24
C LEU A 53 3.16 -3.07 -4.74
N ALA A 54 3.15 -4.24 -4.18
CA ALA A 54 4.36 -4.85 -3.57
C ALA A 54 5.68 -4.67 -4.24
N PRO A 55 5.85 -4.94 -5.50
CA PRO A 55 7.11 -4.85 -6.24
C PRO A 55 7.77 -3.53 -5.98
N ILE A 56 7.07 -2.44 -5.77
CA ILE A 56 7.72 -1.13 -5.51
C ILE A 56 8.74 -1.30 -4.36
N GLY A 57 8.42 -2.08 -3.36
CA GLY A 57 9.26 -2.13 -2.11
C GLY A 57 10.55 -2.90 -2.52
N TRP A 58 10.61 -3.48 -3.65
CA TRP A 58 11.83 -4.28 -3.94
C TRP A 58 12.39 -3.73 -5.24
N ALA A 59 12.23 -2.47 -5.53
CA ALA A 59 12.68 -1.82 -6.76
C ALA A 59 14.24 -1.82 -6.76
N LYS A 60 14.66 -1.51 -8.02
CA LYS A 60 16.17 -1.48 -8.18
C LYS A 60 16.67 -0.43 -7.21
N GLY A 61 17.76 -0.75 -6.51
CA GLY A 61 18.31 0.27 -5.55
C GLY A 61 18.02 -0.06 -4.10
N THR A 62 17.25 -1.16 -3.90
CA THR A 62 16.92 -1.53 -2.50
C THR A 62 17.42 -2.96 -2.29
N GLU A 63 18.36 -3.39 -3.14
CA GLU A 63 18.90 -4.72 -3.03
C GLU A 63 19.68 -4.87 -1.72
N ALA A 64 20.25 -3.80 -1.23
CA ALA A 64 21.03 -4.02 0.00
C ALA A 64 20.74 -3.00 1.04
N LEU A 65 19.44 -2.90 1.42
CA LEU A 65 19.13 -1.94 2.50
C LEU A 65 19.61 -2.65 3.77
N PRO A 66 20.15 -1.88 4.66
CA PRO A 66 20.57 -2.37 5.99
C PRO A 66 19.19 -2.58 6.71
N ASN A 67 19.28 -3.67 7.44
CA ASN A 67 18.12 -4.11 8.17
C ASN A 67 17.17 -4.83 7.23
N GLY A 68 17.48 -4.97 6.00
CA GLY A 68 16.73 -5.70 4.97
C GLY A 68 16.72 -7.18 5.28
N GLU A 69 15.66 -7.90 4.97
CA GLU A 69 15.44 -9.28 5.30
C GLU A 69 15.08 -10.06 4.05
N THR A 70 15.57 -9.58 2.95
CA THR A 70 15.18 -10.41 1.71
C THR A 70 16.50 -10.95 1.12
N LYS A 71 16.48 -12.17 0.72
CA LYS A 71 17.61 -12.82 0.09
C LYS A 71 17.95 -12.11 -1.22
N PRO A 72 19.31 -12.09 -1.45
CA PRO A 72 19.88 -11.45 -2.65
C PRO A 72 19.27 -12.04 -3.92
N GLU A 73 18.79 -13.26 -3.88
CA GLU A 73 18.21 -13.91 -5.07
C GLU A 73 16.92 -13.24 -5.57
N ALA A 74 16.23 -12.58 -4.66
CA ALA A 74 14.94 -11.93 -4.97
C ALA A 74 15.09 -10.83 -6.00
N PHE A 75 16.26 -10.17 -5.91
CA PHE A 75 16.62 -9.06 -6.78
C PHE A 75 17.29 -9.48 -8.10
N GLY A 76 17.86 -10.67 -8.18
CA GLY A 76 18.63 -10.99 -9.38
C GLY A 76 18.29 -12.31 -10.03
N SER A 77 18.99 -13.31 -9.50
CA SER A 77 18.90 -14.68 -10.00
C SER A 77 17.51 -15.29 -9.96
N LYS A 78 16.70 -14.97 -8.95
CA LYS A 78 15.34 -15.51 -8.90
C LYS A 78 14.30 -14.42 -8.94
N SER A 79 14.61 -13.32 -9.55
CA SER A 79 13.80 -12.13 -9.67
C SER A 79 12.44 -12.42 -10.32
N ALA A 80 12.48 -13.21 -11.40
CA ALA A 80 11.22 -13.60 -12.07
C ALA A 80 10.28 -14.37 -11.12
N GLU A 81 10.79 -15.38 -10.46
CA GLU A 81 10.10 -16.22 -9.52
C GLU A 81 9.49 -15.37 -8.38
N PHE A 82 10.28 -14.43 -7.91
CA PHE A 82 9.81 -13.54 -6.84
C PHE A 82 8.68 -12.64 -7.36
N LEU A 83 8.84 -11.93 -8.47
CA LEU A 83 7.71 -11.13 -8.97
C LEU A 83 6.52 -12.04 -9.28
N GLU A 84 6.77 -13.30 -9.56
CA GLU A 84 5.65 -14.17 -9.89
C GLU A 84 4.79 -14.45 -8.69
N GLY A 85 5.42 -14.55 -7.55
CA GLY A 85 4.74 -14.80 -6.26
C GLY A 85 3.74 -13.63 -5.97
N TRP A 86 4.14 -12.38 -6.26
CA TRP A 86 3.26 -11.23 -5.99
C TRP A 86 1.97 -11.37 -6.83
N LYS A 87 2.19 -11.82 -8.02
CA LYS A 87 1.13 -12.03 -9.08
C LYS A 87 0.20 -13.06 -8.51
N ALA A 88 0.77 -14.16 -8.07
CA ALA A 88 -0.08 -15.25 -7.51
C ALA A 88 -0.88 -14.77 -6.35
N LEU A 89 -0.23 -13.98 -5.39
CA LEU A 89 -0.94 -13.45 -4.24
C LEU A 89 -2.17 -12.64 -4.71
N ALA A 90 -1.95 -11.73 -5.60
CA ALA A 90 -2.96 -10.85 -6.14
C ALA A 90 -4.13 -11.72 -6.74
N THR A 91 -3.85 -12.72 -7.53
CA THR A 91 -5.03 -13.50 -8.01
C THR A 91 -5.70 -14.32 -6.93
N GLU A 92 -4.92 -14.86 -5.98
CA GLU A 92 -5.51 -15.60 -4.87
C GLU A 92 -6.33 -14.69 -3.99
N SER A 93 -5.91 -13.43 -3.80
CA SER A 93 -6.60 -12.56 -2.85
C SER A 93 -7.93 -12.11 -3.60
N THR A 94 -7.84 -12.01 -4.91
CA THR A 94 -9.06 -11.64 -5.63
C THR A 94 -10.07 -12.81 -5.52
N LYS A 95 -9.58 -14.00 -5.60
CA LYS A 95 -10.45 -15.18 -5.47
C LYS A 95 -10.90 -15.26 -4.01
N LEU A 96 -10.04 -14.84 -3.07
CA LEU A 96 -10.51 -14.87 -1.68
C LEU A 96 -11.73 -13.97 -1.47
N ALA A 97 -11.86 -12.85 -2.14
CA ALA A 97 -12.90 -11.84 -2.08
C ALA A 97 -14.23 -12.48 -2.66
N ALA A 98 -13.99 -13.09 -3.74
CA ALA A 98 -15.24 -13.86 -4.28
C ALA A 98 -15.69 -14.89 -3.32
N ALA A 99 -14.86 -15.78 -2.76
CA ALA A 99 -15.23 -16.78 -1.78
C ALA A 99 -15.89 -16.20 -0.54
N ALA A 100 -15.40 -15.01 -0.05
CA ALA A 100 -15.91 -14.35 1.14
C ALA A 100 -17.40 -14.14 0.92
N LYS A 101 -17.82 -13.71 -0.21
CA LYS A 101 -19.19 -13.37 -0.63
C LYS A 101 -19.99 -14.66 -0.69
N ALA A 102 -19.42 -15.81 -0.95
CA ALA A 102 -20.07 -17.08 -1.10
C ALA A 102 -20.44 -17.80 0.18
N GLY A 103 -19.66 -17.53 1.19
CA GLY A 103 -19.92 -18.17 2.49
C GLY A 103 -18.62 -18.68 3.12
N PRO A 104 -18.81 -19.04 4.38
CA PRO A 104 -17.75 -19.41 5.28
C PRO A 104 -16.91 -20.56 4.80
N ASP A 105 -17.64 -21.54 4.24
CA ASP A 105 -16.96 -22.77 3.85
C ASP A 105 -16.09 -22.47 2.62
N ALA A 106 -16.58 -21.52 1.81
CA ALA A 106 -15.82 -21.21 0.62
C ALA A 106 -14.56 -20.35 1.05
N LEU A 107 -14.85 -19.53 2.00
CA LEU A 107 -13.73 -18.57 2.45
C LEU A 107 -12.68 -19.39 3.12
N LYS A 108 -13.04 -20.37 3.95
CA LYS A 108 -12.07 -21.19 4.68
C LYS A 108 -11.16 -21.86 3.68
N ALA A 109 -11.78 -22.51 2.64
CA ALA A 109 -10.98 -23.21 1.66
C ALA A 109 -10.06 -22.34 0.79
N GLN A 110 -10.54 -21.12 0.45
CA GLN A 110 -9.72 -20.24 -0.40
C GLN A 110 -8.63 -19.54 0.49
N ALA A 111 -8.93 -19.39 1.77
CA ALA A 111 -7.98 -18.84 2.74
C ALA A 111 -6.77 -19.76 2.82
N ALA A 112 -7.00 -21.08 2.79
CA ALA A 112 -5.95 -22.10 2.93
C ALA A 112 -5.07 -21.97 1.75
N ALA A 113 -5.64 -21.77 0.56
CA ALA A 113 -5.02 -21.54 -0.68
C ALA A 113 -4.17 -20.21 -0.73
N THR A 114 -4.65 -19.18 -0.12
CA THR A 114 -3.99 -17.87 -0.20
C THR A 114 -2.75 -17.95 0.70
N GLY A 115 -2.98 -18.51 1.88
CA GLY A 115 -1.92 -18.56 2.89
C GLY A 115 -0.68 -19.32 2.48
N LYS A 116 -0.80 -20.18 1.52
CA LYS A 116 0.27 -21.03 1.00
C LYS A 116 1.22 -20.19 0.19
N VAL A 117 0.67 -19.11 -0.37
CA VAL A 117 1.51 -18.21 -1.25
C VAL A 117 2.37 -17.38 -0.30
N CYS A 118 1.88 -16.99 0.85
CA CYS A 118 2.69 -16.19 1.79
C CYS A 118 3.84 -17.15 2.23
N LYS A 119 3.40 -18.36 2.59
CA LYS A 119 4.37 -19.40 3.03
C LYS A 119 5.47 -19.75 2.07
N ALA A 120 5.23 -19.98 0.81
CA ALA A 120 6.21 -20.33 -0.22
C ALA A 120 7.16 -19.17 -0.51
N CYS A 121 6.64 -17.94 -0.47
CA CYS A 121 7.48 -16.83 -0.75
C CYS A 121 8.46 -16.66 0.41
N HIS A 122 7.93 -16.79 1.59
CA HIS A 122 8.71 -16.68 2.80
C HIS A 122 9.85 -17.74 2.88
N GLU A 123 9.46 -18.99 2.66
CA GLU A 123 10.44 -20.10 2.67
C GLU A 123 11.54 -19.78 1.68
N GLU A 124 11.32 -19.32 0.49
CA GLU A 124 12.41 -19.03 -0.42
C GLU A 124 13.22 -17.77 -0.22
N PHE A 125 12.57 -16.63 -0.01
CA PHE A 125 13.15 -15.32 -0.17
C PHE A 125 13.31 -14.55 1.08
N LYS A 126 12.81 -15.00 2.19
CA LYS A 126 12.92 -14.22 3.44
C LYS A 126 14.02 -14.76 4.36
N GLN A 127 14.70 -13.88 5.09
CA GLN A 127 15.69 -14.25 6.12
C GLN A 127 14.98 -14.33 7.49
N ASP A 128 15.49 -15.27 8.20
CA ASP A 128 15.16 -15.64 9.57
C ASP A 128 15.26 -14.38 10.46
N GLN B 2 -3.44 -8.65 17.48
CA GLN B 2 -2.51 -7.77 18.18
C GLN B 2 -1.98 -6.58 17.34
N SER B 3 -0.71 -6.70 16.92
CA SER B 3 -0.02 -5.62 16.20
C SER B 3 0.43 -4.53 17.19
N LYS B 4 1.72 -4.51 17.41
CA LYS B 4 2.35 -3.55 18.31
C LYS B 4 2.18 -2.20 17.58
N PRO B 5 2.06 -1.22 18.47
CA PRO B 5 1.85 0.19 18.10
C PRO B 5 2.89 0.58 17.07
N GLU B 6 4.09 0.10 17.31
CA GLU B 6 5.19 0.49 16.44
C GLU B 6 4.93 -0.13 15.07
N ASP B 7 4.40 -1.31 14.98
CA ASP B 7 4.07 -1.93 13.67
C ASP B 7 2.97 -1.11 12.92
N LEU B 8 2.10 -0.52 13.73
CA LEU B 8 0.91 0.22 13.23
C LEU B 8 1.42 1.55 12.70
N LEU B 9 2.41 2.13 13.42
CA LEU B 9 2.94 3.40 12.86
C LEU B 9 3.73 3.17 11.54
N LYS B 10 4.40 2.00 11.54
CA LYS B 10 5.15 1.61 10.38
C LYS B 10 4.22 1.40 9.18
N LEU B 11 3.03 0.77 9.41
CA LEU B 11 2.13 0.53 8.28
C LEU B 11 1.68 1.90 7.79
N ARG B 12 1.30 2.77 8.68
CA ARG B 12 0.84 4.13 8.27
C ARG B 12 1.88 4.87 7.60
N GLN B 13 3.15 5.01 8.08
CA GLN B 13 4.16 5.79 7.36
C GLN B 13 4.68 5.16 6.12
N GLY B 14 4.68 3.87 5.94
CA GLY B 14 5.02 2.96 4.94
C GLY B 14 4.05 3.24 3.76
N LEU B 15 2.73 3.29 4.03
CA LEU B 15 1.85 3.60 2.91
C LEU B 15 2.15 4.93 2.42
N MET B 16 2.50 5.92 3.29
CA MET B 16 2.80 7.35 2.90
C MET B 16 4.07 7.37 2.06
N GLN B 17 5.06 6.60 2.45
CA GLN B 17 6.35 6.49 1.69
C GLN B 17 6.15 5.86 0.34
N THR B 18 5.22 4.89 0.21
CA THR B 18 4.95 4.31 -1.13
C THR B 18 4.34 5.42 -1.94
N LEU B 19 3.43 6.28 -1.32
CA LEU B 19 2.83 7.36 -2.10
C LEU B 19 3.81 8.35 -2.64
N LYS B 20 4.79 8.64 -1.70
CA LYS B 20 5.80 9.64 -2.09
C LYS B 20 6.67 9.03 -3.19
N SER B 21 7.07 7.77 -3.11
CA SER B 21 8.01 7.25 -4.13
C SER B 21 7.38 7.39 -5.49
N GLN B 22 6.05 7.20 -5.58
CA GLN B 22 5.38 7.17 -6.89
C GLN B 22 5.20 8.54 -7.43
N TRP B 23 4.99 9.47 -6.48
CA TRP B 23 4.74 10.89 -6.83
C TRP B 23 5.93 11.76 -7.20
N VAL B 24 6.96 11.54 -6.49
CA VAL B 24 8.14 12.47 -6.67
C VAL B 24 8.61 12.70 -8.10
N PRO B 25 8.74 11.66 -8.87
CA PRO B 25 9.19 11.78 -10.29
C PRO B 25 8.29 12.73 -11.00
N ILE B 26 6.95 12.60 -10.64
CA ILE B 26 6.00 13.47 -11.40
C ILE B 26 6.02 14.88 -10.91
N ALA B 27 6.13 15.17 -9.61
CA ALA B 27 6.16 16.51 -9.06
C ALA B 27 7.39 17.27 -9.68
N GLY B 28 8.44 16.49 -9.76
CA GLY B 28 9.76 17.04 -10.30
C GLY B 28 9.69 17.42 -11.76
N PHE B 29 9.08 16.55 -12.58
CA PHE B 29 8.89 16.99 -14.02
C PHE B 29 8.04 18.24 -14.07
N ALA B 30 6.95 18.23 -13.33
CA ALA B 30 5.96 19.32 -13.31
C ALA B 30 6.64 20.63 -12.80
N ALA B 31 7.69 20.42 -12.02
CA ALA B 31 8.31 21.68 -11.47
C ALA B 31 9.46 22.15 -12.39
N GLY B 32 9.79 21.43 -13.44
CA GLY B 32 10.87 21.77 -14.34
C GLY B 32 12.20 21.38 -13.73
N LYS B 33 12.25 20.32 -12.95
CA LYS B 33 13.43 19.89 -12.22
C LYS B 33 13.88 18.52 -12.61
N ALA B 34 13.08 17.90 -13.47
CA ALA B 34 13.35 16.52 -13.90
C ALA B 34 12.74 16.26 -15.29
N ASP B 35 13.19 15.13 -15.79
CA ASP B 35 12.65 14.69 -17.11
C ASP B 35 11.33 13.95 -16.79
N LEU B 36 10.61 13.78 -17.83
CA LEU B 36 9.29 13.13 -17.87
C LEU B 36 9.51 11.67 -17.52
N PRO B 37 8.84 11.24 -16.47
CA PRO B 37 9.02 9.82 -16.02
C PRO B 37 8.38 9.02 -17.15
N ALA B 38 9.01 7.96 -17.66
CA ALA B 38 8.33 7.22 -18.80
C ALA B 38 7.15 6.35 -18.34
N ASP B 39 7.18 6.01 -17.06
CA ASP B 39 6.15 5.20 -16.44
C ASP B 39 5.20 6.13 -15.69
N ALA B 40 4.99 7.33 -16.03
CA ALA B 40 4.06 8.19 -15.29
C ALA B 40 2.70 7.58 -15.12
N ALA B 41 2.07 7.07 -16.22
CA ALA B 41 0.70 6.55 -16.03
C ALA B 41 0.67 5.49 -15.01
N GLN B 42 1.59 4.55 -14.92
CA GLN B 42 1.63 3.50 -13.93
C GLN B 42 1.86 4.06 -12.53
N ARG B 43 2.75 5.09 -12.40
CA ARG B 43 2.88 5.62 -11.05
C ARG B 43 1.55 6.21 -10.54
N ALA B 44 0.81 6.91 -11.40
CA ALA B 44 -0.43 7.62 -10.93
C ALA B 44 -1.46 6.49 -10.66
N GLU B 45 -1.49 5.45 -11.46
CA GLU B 45 -2.44 4.37 -11.03
C GLU B 45 -2.10 3.85 -9.67
N ASN B 46 -0.78 3.63 -9.42
CA ASN B 46 -0.35 3.21 -8.12
C ASN B 46 -0.80 4.20 -7.06
N MET B 47 -0.67 5.49 -7.25
CA MET B 47 -1.00 6.54 -6.29
C MET B 47 -2.52 6.29 -5.95
N ALA B 48 -3.29 6.07 -6.90
CA ALA B 48 -4.76 5.89 -6.58
C ALA B 48 -5.07 4.59 -5.84
N MET B 49 -4.36 3.52 -5.96
CA MET B 49 -4.51 2.34 -5.13
C MET B 49 -4.07 2.62 -3.71
N VAL B 50 -2.96 3.46 -3.57
CA VAL B 50 -2.55 3.83 -2.18
C VAL B 50 -3.60 4.59 -1.52
N ALA B 51 -4.30 5.50 -2.21
CA ALA B 51 -5.37 6.36 -1.80
C ALA B 51 -6.51 5.55 -1.16
N LYS B 52 -6.82 4.48 -1.95
CA LYS B 52 -7.89 3.56 -1.50
C LYS B 52 -7.56 2.80 -0.27
N LEU B 53 -6.31 2.41 -0.11
CA LEU B 53 -5.90 1.73 1.13
C LEU B 53 -5.66 2.71 2.26
N ALA B 54 -5.32 3.91 1.99
CA ALA B 54 -4.86 4.83 3.16
C ALA B 54 -5.67 4.85 4.39
N PRO B 55 -6.99 4.77 4.47
CA PRO B 55 -7.81 4.73 5.66
C PRO B 55 -7.50 3.59 6.59
N ILE B 56 -6.79 2.57 6.15
CA ILE B 56 -6.40 1.45 7.04
C ILE B 56 -5.30 2.06 7.99
N GLY B 57 -4.58 3.02 7.46
CA GLY B 57 -3.41 3.43 8.46
C GLY B 57 -4.02 4.26 9.51
N TRP B 58 -5.32 4.67 9.46
CA TRP B 58 -5.91 5.55 10.47
C TRP B 58 -7.15 4.82 11.09
N ALA B 59 -7.13 3.57 11.19
CA ALA B 59 -8.32 2.78 11.65
C ALA B 59 -8.41 2.91 13.17
N LYS B 60 -9.57 2.58 13.71
CA LYS B 60 -9.84 2.59 15.12
C LYS B 60 -8.69 1.89 15.80
N GLY B 61 -8.29 2.53 16.87
CA GLY B 61 -7.23 2.08 17.80
C GLY B 61 -5.91 2.72 17.42
N THR B 62 -5.83 3.57 16.40
CA THR B 62 -4.48 4.12 16.01
C THR B 62 -4.53 5.63 16.28
N GLU B 63 -5.43 6.07 17.09
CA GLU B 63 -5.71 7.48 17.41
C GLU B 63 -4.55 8.22 18.09
N ALA B 64 -3.74 7.55 18.83
CA ALA B 64 -2.65 8.13 19.57
C ALA B 64 -1.46 7.19 19.58
N LEU B 65 -0.90 6.84 18.43
CA LEU B 65 0.30 6.01 18.41
C LEU B 65 1.43 6.96 18.91
N PRO B 66 2.42 6.29 19.40
CA PRO B 66 3.65 6.98 19.91
C PRO B 66 4.38 7.50 18.70
N ASN B 67 4.71 8.77 18.66
CA ASN B 67 5.42 9.31 17.53
C ASN B 67 4.53 9.57 16.33
N GLY B 68 3.24 9.36 16.52
CA GLY B 68 2.29 9.71 15.43
C GLY B 68 2.38 11.21 15.28
N GLU B 69 2.11 11.66 14.07
CA GLU B 69 2.11 12.99 13.56
C GLU B 69 0.71 13.41 12.98
N THR B 70 -0.32 12.68 13.52
CA THR B 70 -1.66 13.17 12.96
C THR B 70 -2.47 13.86 14.04
N LYS B 71 -3.09 15.01 13.86
CA LYS B 71 -3.95 15.68 14.81
C LYS B 71 -5.18 14.86 15.13
N PRO B 72 -5.59 14.81 16.38
CA PRO B 72 -6.71 14.00 16.82
C PRO B 72 -8.01 14.37 16.10
N GLU B 73 -8.12 15.49 15.46
CA GLU B 73 -9.37 15.92 14.80
C GLU B 73 -9.54 14.99 13.59
N ALA B 74 -8.50 14.33 13.15
CA ALA B 74 -8.58 13.36 12.09
C ALA B 74 -9.51 12.17 12.43
N PHE B 75 -9.51 11.73 13.64
CA PHE B 75 -10.26 10.62 14.20
C PHE B 75 -11.62 11.02 14.76
N GLY B 76 -11.80 12.29 15.00
CA GLY B 76 -13.05 12.74 15.61
C GLY B 76 -13.79 13.80 14.90
N SER B 77 -13.87 15.07 15.29
CA SER B 77 -14.74 16.07 14.74
C SER B 77 -14.60 16.22 13.28
N LYS B 78 -13.41 16.04 12.69
CA LYS B 78 -13.15 16.21 11.28
C LYS B 78 -12.88 14.98 10.50
N SER B 79 -13.41 13.82 11.01
CA SER B 79 -13.23 12.50 10.46
C SER B 79 -13.77 12.36 9.07
N ALA B 80 -15.00 12.90 8.80
CA ALA B 80 -15.52 12.86 7.43
C ALA B 80 -14.71 13.71 6.45
N GLU B 81 -14.15 14.85 6.81
CA GLU B 81 -13.39 15.69 5.89
C GLU B 81 -12.02 15.00 5.62
N PHE B 82 -11.54 14.38 6.63
CA PHE B 82 -10.29 13.53 6.49
C PHE B 82 -10.47 12.44 5.44
N LEU B 83 -11.60 11.69 5.59
CA LEU B 83 -11.89 10.64 4.63
C LEU B 83 -12.03 11.16 3.27
N GLU B 84 -12.71 12.28 3.04
CA GLU B 84 -12.91 13.01 1.90
C GLU B 84 -11.60 13.45 1.24
N GLY B 85 -10.51 13.62 2.02
CA GLY B 85 -9.23 13.98 1.29
C GLY B 85 -8.64 12.78 0.58
N TRP B 86 -8.79 11.60 1.15
CA TRP B 86 -8.43 10.35 0.57
C TRP B 86 -9.07 10.02 -0.79
N LYS B 87 -10.40 10.30 -0.74
CA LYS B 87 -11.20 10.11 -1.97
C LYS B 87 -10.80 11.12 -3.02
N ALA B 88 -10.44 12.26 -2.61
CA ALA B 88 -10.08 13.31 -3.58
C ALA B 88 -8.78 12.87 -4.21
N LEU B 89 -7.86 12.30 -3.35
CA LEU B 89 -6.55 11.89 -3.97
C LEU B 89 -6.73 10.75 -4.95
N ALA B 90 -7.66 9.84 -4.63
CA ALA B 90 -7.97 8.75 -5.62
C ALA B 90 -8.47 9.38 -6.84
N THR B 91 -9.45 10.30 -6.75
CA THR B 91 -9.92 10.84 -8.03
C THR B 91 -8.89 11.59 -8.79
N GLU B 92 -8.13 12.51 -8.14
CA GLU B 92 -7.12 13.23 -8.98
C GLU B 92 -6.06 12.29 -9.49
N SER B 93 -5.69 11.20 -8.80
CA SER B 93 -4.64 10.36 -9.25
C SER B 93 -5.16 9.64 -10.48
N THR B 94 -6.45 9.28 -10.46
CA THR B 94 -6.96 8.56 -11.72
C THR B 94 -6.94 9.52 -12.89
N LYS B 95 -7.31 10.74 -12.72
CA LYS B 95 -7.26 11.77 -13.74
C LYS B 95 -5.78 11.96 -14.17
N LEU B 96 -4.89 11.85 -13.14
CA LEU B 96 -3.45 11.99 -13.53
C LEU B 96 -2.88 10.91 -14.42
N ALA B 97 -3.32 9.69 -14.35
CA ALA B 97 -3.12 8.53 -15.17
C ALA B 97 -3.53 8.82 -16.63
N ALA B 98 -4.75 9.29 -16.76
CA ALA B 98 -5.28 9.62 -18.11
C ALA B 98 -4.40 10.76 -18.60
N ALA B 99 -4.06 11.77 -17.80
CA ALA B 99 -3.34 12.94 -18.41
C ALA B 99 -1.92 12.45 -18.75
N ALA B 100 -1.30 11.48 -18.12
CA ALA B 100 0.00 11.00 -18.49
C ALA B 100 -0.05 10.39 -19.90
N LYS B 101 -1.15 9.67 -20.20
CA LYS B 101 -1.25 9.00 -21.53
C LYS B 101 -1.52 10.09 -22.55
N ALA B 102 -2.21 11.17 -22.24
CA ALA B 102 -2.42 12.23 -23.23
C ALA B 102 -1.17 13.01 -23.59
N GLY B 103 -0.17 13.31 -22.75
CA GLY B 103 1.06 13.92 -23.19
C GLY B 103 1.62 14.73 -21.98
N PRO B 104 2.83 15.19 -22.27
CA PRO B 104 3.57 15.88 -21.17
C PRO B 104 2.94 17.10 -20.64
N ASP B 105 2.22 17.88 -21.50
CA ASP B 105 1.57 19.13 -21.06
C ASP B 105 0.31 18.87 -20.27
N ALA B 106 -0.41 17.77 -20.73
CA ALA B 106 -1.69 17.54 -19.89
C ALA B 106 -1.16 16.93 -18.57
N LEU B 107 -0.04 16.16 -18.55
CA LEU B 107 0.38 15.62 -17.27
C LEU B 107 0.76 16.77 -16.31
N LYS B 108 1.55 17.78 -16.81
CA LYS B 108 1.88 18.92 -16.01
C LYS B 108 0.72 19.67 -15.47
N ALA B 109 -0.33 19.94 -16.28
CA ALA B 109 -1.54 20.63 -15.72
C ALA B 109 -2.21 19.80 -14.64
N GLN B 110 -2.43 18.47 -14.82
CA GLN B 110 -3.05 17.62 -13.81
C GLN B 110 -2.12 17.39 -12.67
N ALA B 111 -0.77 17.34 -12.77
CA ALA B 111 0.01 17.22 -11.51
C ALA B 111 -0.17 18.36 -10.54
N ALA B 112 -0.40 19.59 -10.97
CA ALA B 112 -0.64 20.79 -10.17
C ALA B 112 -1.88 20.56 -9.39
N ALA B 113 -2.98 20.04 -9.99
CA ALA B 113 -4.16 19.79 -9.24
C ALA B 113 -4.04 18.68 -8.24
N THR B 114 -3.21 17.70 -8.49
CA THR B 114 -3.07 16.55 -7.56
C THR B 114 -2.19 16.93 -6.35
N GLY B 115 -1.19 17.82 -6.66
CA GLY B 115 -0.34 18.17 -5.48
C GLY B 115 -1.09 18.94 -4.43
N LYS B 116 -2.04 19.74 -4.84
CA LYS B 116 -2.84 20.59 -3.90
C LYS B 116 -3.44 19.69 -2.86
N VAL B 117 -3.89 18.43 -3.24
CA VAL B 117 -4.56 17.56 -2.32
C VAL B 117 -3.62 17.11 -1.21
N CYS B 118 -2.35 16.75 -1.52
CA CYS B 118 -1.46 16.39 -0.45
C CYS B 118 -1.31 17.62 0.48
N LYS B 119 -1.01 18.75 -0.10
CA LYS B 119 -0.83 20.01 0.67
C LYS B 119 -2.01 20.38 1.53
N ALA B 120 -3.29 20.46 1.04
CA ALA B 120 -4.42 20.70 1.81
C ALA B 120 -4.48 19.77 3.01
N CYS B 121 -4.46 18.44 2.92
CA CYS B 121 -4.62 17.61 4.01
C CYS B 121 -3.48 17.78 5.04
N HIS B 122 -2.29 17.95 4.56
CA HIS B 122 -1.13 18.15 5.53
C HIS B 122 -1.35 19.42 6.33
N GLU B 123 -1.74 20.51 5.73
CA GLU B 123 -2.05 21.78 6.40
C GLU B 123 -3.05 21.65 7.51
N GLU B 124 -4.10 20.80 7.33
CA GLU B 124 -5.14 20.65 8.27
C GLU B 124 -4.78 19.56 9.26
N PHE B 125 -4.12 18.47 8.86
CA PHE B 125 -4.12 17.31 9.79
C PHE B 125 -2.77 16.78 10.15
N LYS B 126 -1.71 17.26 9.54
CA LYS B 126 -0.35 16.68 9.82
C LYS B 126 0.34 17.59 10.84
N GLN B 127 0.84 17.01 11.89
CA GLN B 127 1.40 17.73 13.04
C GLN B 127 2.68 18.48 12.66
N ASP B 128 3.62 17.81 12.07
CA ASP B 128 4.92 18.33 11.67
C ASP B 128 5.11 18.89 10.27
#